data_3RG0
#
_entry.id   3RG0
#
_cell.length_a   43.062
_cell.length_b   71.701
_cell.length_c   108.386
_cell.angle_alpha   90.00
_cell.angle_beta   90.00
_cell.angle_gamma   90.00
#
_symmetry.space_group_name_H-M   'P 21 21 21'
#
loop_
_entity.id
_entity.type
_entity.pdbx_description
1 polymer Calreticulin
2 non-polymer 'CALCIUM ION'
3 water water
#
_entity_poly.entity_id   1
_entity_poly.type   'polypeptide(L)'
_entity_poly.pdbx_seq_one_letter_code
;GSMDPAIYFKEQFLDGDAWTNRWVESKHKSDFGKFVLSSGKFYGDLEKDKGLQTSQDARFYALSAKFEPFSNKGQTLVVQ
FTVKHEQNIDCGGGYVKLFPSGLDQKDMHGDSEYNIMFGPDICGPGTKKVHVIFNYKGKNVLINKDIRSKDDEFTHLYTL
IVRPDNTYEVKIDNSQVESGSLEDDWDFLPPKKIKDPDAAKPEDWDERAKIDDPTDSKPEDWDKGGSGGEWKPRQIDNPD
YKGTWIHPEIDNPEYSPDANIYAYDSFAVLGLDLWQVKSGTIFDNFLITNDEAYAEEFGNETWGVTKAAEKQMKDKQDEE
QRLKLEHHHHHH
;
_entity_poly.pdbx_strand_id   A
#
loop_
_chem_comp.id
_chem_comp.type
_chem_comp.name
_chem_comp.formula
CA non-polymer 'CALCIUM ION' 'Ca 2'
#
# COMPACT_ATOMS: atom_id res chain seq x y z
N ASP A 4 -17.58 -19.28 -0.57
CA ASP A 4 -16.14 -19.60 -0.73
C ASP A 4 -15.32 -18.39 -1.19
N PRO A 5 -14.09 -18.24 -0.66
CA PRO A 5 -13.26 -17.08 -0.95
C PRO A 5 -12.47 -17.23 -2.26
N ALA A 6 -12.52 -16.20 -3.10
CA ALA A 6 -11.75 -16.17 -4.34
C ALA A 6 -10.31 -15.79 -4.05
N ILE A 7 -9.40 -16.72 -4.28
CA ILE A 7 -7.98 -16.45 -4.12
C ILE A 7 -7.43 -16.11 -5.49
N TYR A 8 -7.21 -14.81 -5.72
CA TYR A 8 -6.71 -14.32 -7.00
C TYR A 8 -5.22 -14.55 -7.12
N PHE A 9 -4.51 -14.43 -6.00
CA PHE A 9 -3.07 -14.61 -5.95
C PHE A 9 -2.62 -15.01 -4.55
N LYS A 10 -1.84 -16.08 -4.47
CA LYS A 10 -1.20 -16.51 -3.24
C LYS A 10 0.22 -16.94 -3.57
N GLU A 11 1.19 -16.37 -2.87
CA GLU A 11 2.60 -16.70 -3.09
C GLU A 11 3.33 -16.78 -1.75
N GLN A 12 3.92 -17.94 -1.49
CA GLN A 12 4.60 -18.17 -0.22
C GLN A 12 6.04 -18.67 -0.39
N PHE A 13 6.42 -18.97 -1.64
CA PHE A 13 7.79 -19.43 -1.99
C PHE A 13 8.16 -20.73 -1.27
N LEU A 14 7.39 -21.79 -1.53
CA LEU A 14 7.49 -23.04 -0.78
C LEU A 14 8.08 -24.20 -1.58
N ASP A 15 8.14 -24.05 -2.90
CA ASP A 15 8.68 -25.10 -3.77
C ASP A 15 10.03 -24.71 -4.37
N GLY A 16 10.97 -24.32 -3.50
CA GLY A 16 12.33 -24.00 -3.88
C GLY A 16 12.46 -22.95 -4.98
N ASP A 17 13.06 -23.36 -6.10
CA ASP A 17 13.42 -22.44 -7.19
C ASP A 17 12.26 -22.19 -8.17
N ALA A 18 11.17 -22.94 -8.03
CA ALA A 18 10.04 -22.87 -8.95
C ALA A 18 9.29 -21.53 -8.92
N TRP A 19 9.79 -20.58 -8.14
CA TRP A 19 9.21 -19.24 -8.07
C TRP A 19 9.59 -18.37 -9.27
N THR A 20 10.70 -18.70 -9.92
CA THR A 20 11.17 -17.97 -11.09
C THR A 20 10.29 -18.18 -12.31
N ASN A 21 9.37 -19.14 -12.23
CA ASN A 21 8.39 -19.40 -13.27
C ASN A 21 7.21 -18.45 -13.17
N ARG A 22 6.95 -17.96 -11.95
CA ARG A 22 5.82 -17.09 -11.67
C ARG A 22 6.21 -15.62 -11.67
N TRP A 23 7.46 -15.34 -11.28
CA TRP A 23 7.94 -13.98 -11.17
C TRP A 23 8.83 -13.61 -12.36
N VAL A 24 8.60 -12.41 -12.89
CA VAL A 24 9.27 -11.94 -14.10
C VAL A 24 10.14 -10.72 -13.81
N GLU A 25 11.39 -10.80 -14.24
CA GLU A 25 12.34 -9.69 -14.12
C GLU A 25 12.10 -8.66 -15.22
N SER A 26 12.02 -7.39 -14.83
CA SER A 26 11.92 -6.29 -15.78
C SER A 26 13.26 -6.04 -16.47
N LYS A 27 13.21 -5.49 -17.67
CA LYS A 27 14.41 -5.17 -18.44
C LYS A 27 14.46 -3.70 -18.82
N HIS A 28 13.61 -2.87 -18.20
CA HIS A 28 13.59 -1.44 -18.47
C HIS A 28 14.96 -0.80 -18.20
N LYS A 29 15.67 -1.36 -17.23
CA LYS A 29 17.04 -0.97 -16.94
C LYS A 29 17.94 -2.20 -16.93
N SER A 30 19.20 -2.00 -17.29
CA SER A 30 20.20 -3.07 -17.31
C SER A 30 20.67 -3.44 -15.91
N ASP A 31 20.74 -2.44 -15.03
CA ASP A 31 21.30 -2.63 -13.70
C ASP A 31 20.26 -2.61 -12.57
N PHE A 32 19.19 -3.38 -12.72
CA PHE A 32 18.26 -3.61 -11.61
C PHE A 32 18.91 -4.55 -10.62
N GLY A 33 18.46 -4.48 -9.37
CA GLY A 33 18.98 -5.34 -8.31
C GLY A 33 18.44 -6.76 -8.40
N LYS A 34 19.20 -7.71 -7.89
CA LYS A 34 18.78 -9.09 -7.81
C LYS A 34 17.90 -9.34 -6.57
N PHE A 35 16.77 -10.02 -6.79
CA PHE A 35 16.02 -10.65 -5.70
C PHE A 35 16.57 -12.05 -5.51
N VAL A 36 16.58 -12.52 -4.28
CA VAL A 36 17.10 -13.85 -3.95
C VAL A 36 16.16 -14.54 -2.96
N LEU A 37 15.94 -15.84 -3.14
CA LEU A 37 15.16 -16.63 -2.20
C LEU A 37 15.96 -16.86 -0.91
N SER A 38 15.43 -16.34 0.19
CA SER A 38 16.12 -16.38 1.48
C SER A 38 15.16 -16.19 2.65
N SER A 39 15.49 -16.84 3.77
CA SER A 39 14.74 -16.71 5.02
C SER A 39 15.51 -15.87 6.04
N GLY A 40 16.65 -15.35 5.62
CA GLY A 40 17.45 -14.44 6.45
C GLY A 40 18.31 -15.12 7.49
N LYS A 41 18.94 -14.31 8.33
CA LYS A 41 19.85 -14.79 9.38
C LYS A 41 19.10 -15.34 10.59
N PHE A 42 17.91 -14.77 10.86
CA PHE A 42 17.02 -15.28 11.89
C PHE A 42 15.62 -15.43 11.32
N TYR A 43 14.87 -16.42 11.82
CA TYR A 43 13.58 -16.77 11.22
C TYR A 43 12.69 -17.53 12.21
N GLY A 44 11.43 -17.76 11.81
CA GLY A 44 10.53 -18.63 12.56
C GLY A 44 10.81 -20.07 12.21
N ASP A 45 10.75 -20.37 10.91
CA ASP A 45 11.08 -21.68 10.36
C ASP A 45 11.95 -21.48 9.13
N LEU A 46 13.06 -22.22 9.06
CA LEU A 46 14.04 -22.09 7.98
C LEU A 46 13.41 -22.12 6.58
N GLU A 47 12.63 -23.16 6.31
CA GLU A 47 12.05 -23.36 4.98
C GLU A 47 10.83 -22.48 4.71
N LYS A 48 9.94 -22.39 5.69
CA LYS A 48 8.68 -21.67 5.55
C LYS A 48 8.84 -20.16 5.33
N ASP A 49 9.69 -19.53 6.14
CA ASP A 49 9.85 -18.08 6.08
C ASP A 49 10.85 -17.62 5.01
N LYS A 50 11.01 -18.45 3.97
CA LYS A 50 11.75 -18.08 2.78
C LYS A 50 10.89 -17.15 1.91
N GLY A 51 11.50 -16.07 1.46
CA GLY A 51 10.83 -15.11 0.58
C GLY A 51 11.83 -14.38 -0.29
N LEU A 52 11.35 -13.33 -0.95
CA LEU A 52 12.21 -12.55 -1.84
C LEU A 52 12.98 -11.52 -1.04
N GLN A 53 14.30 -11.71 -0.98
CA GLN A 53 15.17 -10.77 -0.30
C GLN A 53 15.94 -9.94 -1.31
N THR A 54 15.93 -8.62 -1.12
CA THR A 54 16.78 -7.74 -1.92
C THR A 54 18.24 -7.98 -1.54
N SER A 55 19.10 -8.13 -2.55
CA SER A 55 20.47 -8.57 -2.32
C SER A 55 21.55 -7.51 -2.55
N GLN A 56 21.20 -6.42 -3.21
CA GLN A 56 22.20 -5.40 -3.59
C GLN A 56 21.88 -4.00 -3.10
N ASP A 57 22.88 -3.37 -2.47
CA ASP A 57 22.78 -2.00 -1.97
C ASP A 57 22.64 -0.97 -3.07
N ALA A 58 21.94 0.13 -2.77
CA ALA A 58 21.77 1.28 -3.65
C ALA A 58 21.33 0.89 -5.06
N ARG A 59 20.19 0.21 -5.14
CA ARG A 59 19.64 -0.29 -6.40
C ARG A 59 18.13 -0.12 -6.51
N PHE A 60 17.67 0.09 -7.73
CA PHE A 60 16.26 0.02 -8.07
C PHE A 60 15.87 -1.44 -8.26
N TYR A 61 14.64 -1.77 -7.91
CA TYR A 61 14.14 -3.15 -8.04
C TYR A 61 12.88 -3.20 -8.88
N ALA A 62 12.75 -4.25 -9.68
CA ALA A 62 11.62 -4.41 -10.58
C ALA A 62 11.36 -5.89 -10.92
N LEU A 63 10.54 -6.52 -10.09
CA LEU A 63 10.10 -7.89 -10.29
C LEU A 63 8.58 -7.91 -10.16
N SER A 64 7.91 -8.78 -10.92
CA SER A 64 6.46 -8.82 -10.93
C SER A 64 5.90 -10.22 -11.15
N ALA A 65 4.71 -10.47 -10.60
CA ALA A 65 4.01 -11.74 -10.79
C ALA A 65 2.61 -11.51 -11.34
N LYS A 66 2.24 -12.31 -12.33
CA LYS A 66 0.91 -12.18 -12.96
C LYS A 66 -0.07 -13.25 -12.49
N PHE A 67 -1.35 -12.93 -12.59
CA PHE A 67 -2.43 -13.83 -12.21
C PHE A 67 -3.62 -13.63 -13.15
N GLU A 68 -4.64 -14.48 -13.05
CA GLU A 68 -5.85 -14.34 -13.88
C GLU A 68 -6.45 -12.96 -13.67
N PRO A 69 -6.63 -12.19 -14.77
CA PRO A 69 -7.25 -10.87 -14.67
C PRO A 69 -8.62 -10.94 -14.00
N PHE A 70 -8.82 -10.11 -12.99
CA PHE A 70 -10.09 -10.02 -12.27
C PHE A 70 -10.47 -8.56 -12.05
N SER A 71 -11.71 -8.34 -11.64
CA SER A 71 -12.19 -7.01 -11.29
C SER A 71 -12.80 -7.04 -9.89
N ASN A 72 -12.67 -5.93 -9.17
CA ASN A 72 -13.25 -5.81 -7.83
C ASN A 72 -14.62 -5.12 -7.83
N LYS A 73 -15.22 -4.94 -9.01
CA LYS A 73 -16.57 -4.38 -9.13
C LYS A 73 -17.60 -5.22 -8.37
N GLY A 74 -18.30 -4.57 -7.43
CA GLY A 74 -19.34 -5.22 -6.65
C GLY A 74 -18.86 -6.11 -5.53
N GLN A 75 -17.55 -6.20 -5.35
CA GLN A 75 -16.97 -7.01 -4.27
C GLN A 75 -15.74 -6.39 -3.59
N THR A 76 -15.39 -6.93 -2.43
CA THR A 76 -14.24 -6.47 -1.65
C THR A 76 -12.93 -6.88 -2.32
N LEU A 77 -11.91 -6.04 -2.12
CA LEU A 77 -10.54 -6.35 -2.52
C LEU A 77 -9.65 -6.31 -1.29
N VAL A 78 -8.85 -7.36 -1.11
CA VAL A 78 -7.88 -7.41 -0.01
C VAL A 78 -6.47 -7.71 -0.52
N VAL A 79 -5.54 -6.81 -0.23
CA VAL A 79 -4.12 -7.00 -0.56
C VAL A 79 -3.32 -7.21 0.72
N GLN A 80 -2.66 -8.36 0.82
CA GLN A 80 -1.93 -8.71 2.02
C GLN A 80 -0.56 -9.29 1.69
N PHE A 81 0.43 -8.97 2.53
CA PHE A 81 1.77 -9.54 2.43
C PHE A 81 2.54 -9.22 3.69
N THR A 82 3.69 -9.88 3.86
CA THR A 82 4.58 -9.58 4.98
C THR A 82 5.87 -8.95 4.49
N VAL A 83 6.35 -7.96 5.23
CA VAL A 83 7.64 -7.32 4.97
C VAL A 83 8.54 -7.50 6.18
N LYS A 84 9.81 -7.78 5.93
CA LYS A 84 10.80 -7.94 6.98
C LYS A 84 12.07 -7.17 6.62
N HIS A 85 12.29 -6.04 7.27
CA HIS A 85 13.50 -5.25 7.04
C HIS A 85 14.64 -5.72 7.95
N GLU A 86 15.22 -6.87 7.61
CA GLU A 86 16.23 -7.54 8.42
C GLU A 86 17.55 -6.76 8.56
N GLN A 87 17.78 -5.81 7.67
CA GLN A 87 19.07 -5.13 7.56
C GLN A 87 19.32 -3.95 8.52
N ASN A 88 18.28 -3.52 9.25
CA ASN A 88 18.30 -2.22 9.95
C ASN A 88 18.09 -0.94 9.14
N ILE A 89 17.08 -0.96 8.27
CA ILE A 89 16.97 -0.15 7.04
C ILE A 89 17.07 1.37 7.25
N ASP A 90 17.95 2.00 6.46
CA ASP A 90 18.06 3.45 6.46
C ASP A 90 17.04 4.09 5.52
N CYS A 91 16.96 3.55 4.30
CA CYS A 91 16.06 4.05 3.27
C CYS A 91 15.72 2.94 2.29
N GLY A 92 14.44 2.69 2.11
CA GLY A 92 13.95 1.69 1.18
C GLY A 92 12.45 1.46 1.21
N GLY A 93 11.88 1.27 0.03
CA GLY A 93 10.46 0.95 -0.10
C GLY A 93 10.16 -0.49 0.27
N GLY A 94 8.96 -0.73 0.78
CA GLY A 94 8.51 -2.06 1.13
C GLY A 94 7.10 -2.31 0.64
N TYR A 95 6.74 -1.62 -0.44
CA TYR A 95 5.36 -1.60 -0.93
C TYR A 95 5.16 -2.41 -2.21
N VAL A 96 3.90 -2.75 -2.47
CA VAL A 96 3.51 -3.46 -3.69
C VAL A 96 2.75 -2.54 -4.62
N LYS A 97 2.66 -2.94 -5.89
CA LYS A 97 1.86 -2.23 -6.86
C LYS A 97 0.98 -3.21 -7.62
N LEU A 98 -0.30 -2.89 -7.72
CA LEU A 98 -1.23 -3.68 -8.51
C LEU A 98 -1.47 -3.00 -9.86
N PHE A 99 -1.22 -3.73 -10.93
CA PHE A 99 -1.30 -3.19 -12.28
C PHE A 99 -2.50 -3.76 -13.02
N PRO A 100 -3.04 -2.99 -13.99
CA PRO A 100 -4.11 -3.52 -14.84
C PRO A 100 -3.60 -4.56 -15.84
N SER A 101 -4.49 -5.06 -16.69
CA SER A 101 -4.10 -5.94 -17.79
C SER A 101 -3.34 -5.11 -18.82
N GLY A 102 -2.45 -5.76 -19.55
CA GLY A 102 -1.69 -5.08 -20.61
C GLY A 102 -0.47 -4.34 -20.11
N LEU A 103 0.12 -4.83 -19.02
CA LEU A 103 1.41 -4.35 -18.57
C LEU A 103 2.49 -5.29 -19.10
N ASP A 104 3.48 -4.71 -19.79
CA ASP A 104 4.65 -5.48 -20.19
C ASP A 104 5.53 -5.67 -18.96
N GLN A 105 5.49 -6.87 -18.39
CA GLN A 105 6.25 -7.21 -17.20
C GLN A 105 7.76 -6.96 -17.41
N LYS A 106 8.22 -7.18 -18.64
CA LYS A 106 9.63 -6.99 -19.00
C LYS A 106 10.01 -5.53 -19.18
N ASP A 107 9.07 -4.61 -18.94
CA ASP A 107 9.31 -3.18 -19.10
C ASP A 107 8.87 -2.35 -17.88
N MET A 108 8.67 -3.02 -16.74
CA MET A 108 8.18 -2.35 -15.53
C MET A 108 9.22 -1.42 -14.90
N HIS A 109 8.78 -0.19 -14.62
CA HIS A 109 9.60 0.82 -13.95
C HIS A 109 8.73 1.69 -13.03
N GLY A 110 9.31 2.76 -12.51
CA GLY A 110 8.62 3.65 -11.58
C GLY A 110 7.43 4.42 -12.16
N ASP A 111 7.47 4.64 -13.47
CA ASP A 111 6.43 5.43 -14.17
C ASP A 111 5.35 4.58 -14.85
N SER A 112 5.42 3.26 -14.67
CA SER A 112 4.40 2.36 -15.20
C SER A 112 3.06 2.62 -14.51
N GLU A 113 1.99 2.78 -15.31
CA GLU A 113 0.67 3.14 -14.77
C GLU A 113 0.03 2.00 -13.97
N TYR A 114 -0.05 2.19 -12.66
CA TYR A 114 -0.66 1.20 -11.76
C TYR A 114 -2.08 1.60 -11.37
N ASN A 115 -2.78 0.69 -10.71
CA ASN A 115 -4.08 0.96 -10.13
C ASN A 115 -3.95 1.40 -8.68
N ILE A 116 -3.24 0.60 -7.90
CA ILE A 116 -3.08 0.81 -6.46
C ILE A 116 -1.65 0.53 -6.04
N MET A 117 -1.11 1.42 -5.20
CA MET A 117 0.14 1.15 -4.50
C MET A 117 -0.14 1.10 -3.01
N PHE A 118 0.34 0.04 -2.36
CA PHE A 118 0.16 -0.12 -0.93
C PHE A 118 1.40 -0.67 -0.26
N GLY A 119 1.80 -0.04 0.84
CA GLY A 119 2.86 -0.57 1.70
C GLY A 119 3.79 0.45 2.33
N PRO A 120 4.65 -0.02 3.25
CA PRO A 120 5.57 0.83 4.02
C PRO A 120 6.64 1.46 3.14
N ASP A 121 6.98 2.70 3.45
CA ASP A 121 8.09 3.39 2.82
C ASP A 121 8.90 4.05 3.92
N ILE A 122 10.22 3.87 3.85
CA ILE A 122 11.13 4.40 4.86
C ILE A 122 12.28 5.09 4.16
N CYS A 123 12.54 6.34 4.55
CA CYS A 123 13.76 7.03 4.13
C CYS A 123 14.17 8.03 5.20
N GLY A 124 15.14 7.63 6.02
CA GLY A 124 15.55 8.40 7.19
C GLY A 124 14.45 8.45 8.24
N PRO A 125 14.72 9.11 9.37
CA PRO A 125 13.69 9.35 10.39
C PRO A 125 12.51 10.19 9.89
N GLY A 126 12.75 11.00 8.86
CA GLY A 126 11.71 11.85 8.29
C GLY A 126 10.52 11.11 7.70
N THR A 127 10.81 10.12 6.86
CA THR A 127 9.77 9.34 6.18
C THR A 127 9.64 7.95 6.79
N LYS A 128 8.49 7.68 7.38
CA LYS A 128 8.21 6.39 8.00
C LYS A 128 6.70 6.10 7.89
N LYS A 129 6.23 5.96 6.65
CA LYS A 129 4.80 5.91 6.40
C LYS A 129 4.33 4.78 5.47
N VAL A 130 3.07 4.39 5.64
CA VAL A 130 2.45 3.44 4.75
C VAL A 130 1.73 4.20 3.64
N HIS A 131 2.10 3.92 2.40
CA HIS A 131 1.46 4.54 1.26
C HIS A 131 0.18 3.80 0.89
N VAL A 132 -0.90 4.57 0.73
CA VAL A 132 -2.12 4.07 0.12
C VAL A 132 -2.47 5.02 -1.03
N ILE A 133 -2.04 4.64 -2.23
CA ILE A 133 -2.21 5.47 -3.41
C ILE A 133 -3.16 4.81 -4.41
N PHE A 134 -4.21 5.53 -4.77
CA PHE A 134 -5.16 5.11 -5.79
C PHE A 134 -4.96 5.91 -7.08
N ASN A 135 -4.98 5.21 -8.21
CA ASN A 135 -4.97 5.86 -9.52
C ASN A 135 -6.39 6.23 -9.93
N TYR A 136 -6.65 7.52 -10.07
CA TYR A 136 -7.98 8.01 -10.35
C TYR A 136 -7.96 9.18 -11.32
N LYS A 137 -8.57 8.97 -12.49
CA LYS A 137 -8.68 9.98 -13.55
C LYS A 137 -7.35 10.64 -13.89
N GLY A 138 -6.35 9.82 -14.20
CA GLY A 138 -5.04 10.30 -14.62
C GLY A 138 -4.10 10.69 -13.48
N LYS A 139 -4.60 10.69 -12.25
CA LYS A 139 -3.83 11.12 -11.09
C LYS A 139 -3.62 10.00 -10.08
N ASN A 140 -2.38 9.87 -9.61
CA ASN A 140 -2.07 8.98 -8.49
C ASN A 140 -2.21 9.75 -7.17
N VAL A 141 -3.38 9.60 -6.54
CA VAL A 141 -3.72 10.35 -5.34
C VAL A 141 -3.28 9.62 -4.07
N LEU A 142 -2.58 10.34 -3.20
CA LEU A 142 -2.05 9.81 -1.95
C LEU A 142 -3.04 10.05 -0.81
N ILE A 143 -3.11 9.11 0.13
CA ILE A 143 -3.99 9.20 1.29
C ILE A 143 -3.66 10.44 2.16
N ASN A 144 -4.70 11.13 2.64
CA ASN A 144 -4.55 12.29 3.52
C ASN A 144 -4.12 11.90 4.94
N LYS A 145 -4.29 10.63 5.28
CA LYS A 145 -3.97 10.12 6.61
C LYS A 145 -2.52 9.68 6.72
N ASP A 146 -1.85 10.11 7.79
CA ASP A 146 -0.47 9.71 8.04
C ASP A 146 -0.45 8.39 8.84
N ILE A 147 -0.13 7.31 8.15
CA ILE A 147 -0.04 5.99 8.78
C ILE A 147 1.42 5.63 9.00
N ARG A 148 1.76 5.24 10.22
CA ARG A 148 3.14 4.95 10.57
C ARG A 148 3.52 3.49 10.23
N SER A 149 4.66 3.34 9.55
CA SER A 149 5.19 2.03 9.19
C SER A 149 6.08 1.48 10.29
N LYS A 150 6.33 0.17 10.23
CA LYS A 150 7.21 -0.48 11.19
C LYS A 150 8.67 -0.35 10.74
N ASP A 151 9.57 -0.16 11.69
CA ASP A 151 10.97 0.12 11.36
C ASP A 151 12.00 -0.89 11.88
N ASP A 152 11.57 -1.82 12.74
CA ASP A 152 12.46 -2.81 13.33
C ASP A 152 12.87 -3.92 12.35
N GLU A 153 13.52 -4.97 12.85
CA GLU A 153 14.09 -6.04 12.02
C GLU A 153 13.13 -7.22 11.80
N PHE A 154 11.95 -7.16 12.40
CA PHE A 154 11.04 -8.31 12.43
C PHE A 154 10.00 -8.27 11.31
N THR A 155 9.39 -9.43 11.05
CA THR A 155 8.34 -9.55 10.05
C THR A 155 7.07 -8.82 10.50
N HIS A 156 6.50 -8.03 9.59
CA HIS A 156 5.25 -7.36 9.85
C HIS A 156 4.27 -7.57 8.69
N LEU A 157 3.00 -7.69 9.03
CA LEU A 157 1.93 -7.96 8.07
C LEU A 157 1.23 -6.67 7.68
N TYR A 158 1.12 -6.43 6.38
CA TYR A 158 0.41 -5.25 5.87
C TYR A 158 -0.83 -5.68 5.08
N THR A 159 -1.97 -5.12 5.46
CA THR A 159 -3.25 -5.49 4.86
C THR A 159 -4.05 -4.25 4.46
N LEU A 160 -4.47 -4.21 3.20
CA LEU A 160 -5.39 -3.17 2.72
C LEU A 160 -6.72 -3.80 2.31
N ILE A 161 -7.80 -3.29 2.90
CA ILE A 161 -9.14 -3.73 2.57
C ILE A 161 -9.89 -2.61 1.88
N VAL A 162 -10.42 -2.90 0.69
CA VAL A 162 -11.19 -1.93 -0.09
C VAL A 162 -12.58 -2.50 -0.41
N ARG A 163 -13.63 -1.78 0.01
CA ARG A 163 -15.01 -2.27 -0.09
C ARG A 163 -15.85 -1.54 -1.14
N PRO A 164 -16.90 -2.22 -1.67
CA PRO A 164 -17.78 -1.67 -2.72
C PRO A 164 -18.56 -0.42 -2.32
N ASP A 165 -18.64 -0.16 -1.01
CA ASP A 165 -19.31 1.04 -0.50
C ASP A 165 -18.35 2.23 -0.35
N ASN A 166 -17.22 2.18 -1.08
CA ASN A 166 -16.16 3.18 -1.00
C ASN A 166 -15.53 3.37 0.39
N THR A 167 -15.41 2.28 1.13
CA THR A 167 -14.70 2.32 2.41
C THR A 167 -13.45 1.46 2.38
N TYR A 168 -12.45 1.86 3.16
CA TYR A 168 -11.19 1.14 3.21
C TYR A 168 -10.81 0.86 4.66
N GLU A 169 -9.82 -0.01 4.80
CA GLU A 169 -9.20 -0.28 6.10
C GLU A 169 -7.76 -0.67 5.87
N VAL A 170 -6.88 -0.24 6.77
CA VAL A 170 -5.47 -0.64 6.73
C VAL A 170 -5.14 -1.33 8.05
N LYS A 171 -4.57 -2.54 7.96
CA LYS A 171 -4.15 -3.29 9.13
C LYS A 171 -2.64 -3.49 9.10
N ILE A 172 -2.02 -3.34 10.27
CA ILE A 172 -0.65 -3.80 10.48
C ILE A 172 -0.70 -4.86 11.58
N ASP A 173 -0.08 -6.01 11.30
CA ASP A 173 -0.03 -7.12 12.25
C ASP A 173 -1.44 -7.56 12.68
N ASN A 174 -2.34 -7.65 11.70
CA ASN A 174 -3.76 -8.01 11.91
C ASN A 174 -4.57 -7.09 12.84
N SER A 175 -4.05 -5.90 13.11
CA SER A 175 -4.77 -4.89 13.87
C SER A 175 -4.95 -3.64 13.04
N GLN A 176 -6.14 -3.08 13.08
CA GLN A 176 -6.45 -1.86 12.33
C GLN A 176 -5.62 -0.67 12.81
N VAL A 177 -5.10 0.09 11.86
CA VAL A 177 -4.37 1.33 12.14
C VAL A 177 -5.05 2.53 11.50
N GLU A 178 -5.77 2.28 10.40
CA GLU A 178 -6.50 3.34 9.71
C GLU A 178 -7.79 2.81 9.09
N SER A 179 -8.78 3.70 9.01
CA SER A 179 -10.13 3.34 8.56
C SER A 179 -10.85 4.60 8.07
N GLY A 180 -11.85 4.41 7.21
CA GLY A 180 -12.65 5.52 6.73
C GLY A 180 -13.23 5.28 5.35
N SER A 181 -13.57 6.36 4.66
CA SER A 181 -14.13 6.27 3.31
C SER A 181 -13.21 6.93 2.30
N LEU A 182 -13.20 6.38 1.08
CA LEU A 182 -12.32 6.87 0.02
C LEU A 182 -12.53 8.35 -0.29
N GLU A 183 -13.78 8.79 -0.33
CA GLU A 183 -14.11 10.19 -0.62
C GLU A 183 -13.52 11.17 0.41
N ASP A 184 -13.46 10.74 1.67
CA ASP A 184 -12.99 11.58 2.77
C ASP A 184 -11.47 11.68 2.90
N ASP A 185 -10.78 10.54 2.79
CA ASP A 185 -9.36 10.48 3.12
C ASP A 185 -8.43 10.63 1.90
N TRP A 186 -9.02 10.93 0.75
CA TRP A 186 -8.29 11.29 -0.46
C TRP A 186 -8.95 12.51 -1.09
N ASP A 187 -8.26 13.12 -2.05
CA ASP A 187 -8.84 14.21 -2.82
C ASP A 187 -9.11 13.76 -4.25
N PHE A 188 -10.07 12.83 -4.38
CA PHE A 188 -10.53 12.36 -5.68
C PHE A 188 -11.40 13.42 -6.34
N LEU A 189 -12.38 13.90 -5.58
CA LEU A 189 -13.45 14.76 -6.11
C LEU A 189 -13.19 16.24 -5.86
N PRO A 190 -13.76 17.11 -6.71
CA PRO A 190 -13.78 18.55 -6.44
C PRO A 190 -14.63 18.89 -5.21
N PRO A 191 -14.33 20.02 -4.53
CA PRO A 191 -15.09 20.38 -3.33
C PRO A 191 -16.57 20.57 -3.65
N LYS A 192 -17.44 20.13 -2.73
CA LYS A 192 -18.89 20.16 -2.96
C LYS A 192 -19.43 21.58 -3.01
N LYS A 193 -18.83 22.47 -2.21
CA LYS A 193 -19.39 23.79 -1.97
C LYS A 193 -18.37 24.91 -2.22
N ILE A 194 -18.37 25.43 -3.44
CA ILE A 194 -17.52 26.57 -3.81
C ILE A 194 -18.13 27.89 -3.33
N LYS A 195 -17.33 28.95 -3.35
CA LYS A 195 -17.84 30.31 -3.14
C LYS A 195 -18.49 30.80 -4.43
N ASP A 196 -19.51 31.64 -4.27
CA ASP A 196 -20.28 32.17 -5.41
C ASP A 196 -19.45 33.13 -6.25
N PRO A 197 -19.18 32.77 -7.51
CA PRO A 197 -18.37 33.63 -8.38
C PRO A 197 -19.16 34.82 -8.95
N ASP A 198 -20.43 34.95 -8.53
CA ASP A 198 -21.29 36.03 -8.97
C ASP A 198 -21.55 37.07 -7.88
N ALA A 199 -21.15 36.76 -6.64
CA ALA A 199 -21.36 37.66 -5.51
C ALA A 199 -20.11 38.46 -5.14
N ALA A 200 -20.34 39.62 -4.52
CA ALA A 200 -19.29 40.50 -3.99
C ALA A 200 -19.92 41.41 -2.93
N LYS A 201 -19.10 42.00 -2.06
CA LYS A 201 -19.57 43.07 -1.17
C LYS A 201 -20.11 44.15 -2.11
N PRO A 202 -21.16 44.91 -1.72
CA PRO A 202 -21.61 45.83 -0.72
C PRO A 202 -20.57 46.64 0.04
N GLU A 203 -20.12 47.70 -0.62
CA GLU A 203 -19.49 48.84 0.03
C GLU A 203 -20.59 49.58 0.80
N ASP A 204 -21.84 49.22 0.49
CA ASP A 204 -23.02 49.70 1.21
C ASP A 204 -23.34 48.78 2.41
N TRP A 205 -22.48 47.79 2.66
CA TRP A 205 -22.64 46.88 3.80
C TRP A 205 -22.43 47.63 5.11
N ASP A 206 -23.33 47.43 6.06
CA ASP A 206 -23.29 48.11 7.35
C ASP A 206 -22.79 47.17 8.44
N GLU A 207 -21.66 47.53 9.04
CA GLU A 207 -21.01 46.70 10.08
C GLU A 207 -21.35 47.16 11.51
N ARG A 208 -22.42 47.93 11.65
CA ARG A 208 -22.77 48.56 12.93
C ARG A 208 -24.02 47.96 13.57
N ALA A 209 -24.19 48.22 14.87
CA ALA A 209 -25.43 47.94 15.58
C ALA A 209 -25.77 49.12 16.51
N LYS A 210 -25.63 50.34 15.96
CA LYS A 210 -25.76 51.60 16.71
C LYS A 210 -27.14 51.85 17.30
N ILE A 211 -27.19 52.64 18.37
CA ILE A 211 -28.44 53.00 19.05
C ILE A 211 -29.05 54.28 18.48
N ASP A 240 -31.95 49.52 11.88
CA ASP A 240 -30.69 48.80 11.73
C ASP A 240 -30.71 47.86 10.54
N TYR A 241 -29.52 47.52 10.03
CA TYR A 241 -29.34 46.52 8.98
C TYR A 241 -28.05 45.74 9.27
N LYS A 242 -28.18 44.46 9.57
CA LYS A 242 -27.08 43.72 10.21
C LYS A 242 -26.63 42.42 9.56
N GLY A 243 -25.98 41.57 10.37
CA GLY A 243 -25.27 40.39 9.89
C GLY A 243 -23.78 40.72 9.81
N THR A 244 -23.01 39.79 9.26
CA THR A 244 -21.59 40.02 8.96
C THR A 244 -21.43 39.49 7.55
N TRP A 245 -20.62 40.17 6.75
CA TRP A 245 -20.39 39.74 5.36
C TRP A 245 -19.68 38.39 5.28
N ILE A 246 -20.49 37.35 5.11
CA ILE A 246 -19.98 36.01 4.82
C ILE A 246 -20.29 35.74 3.35
N HIS A 247 -19.25 35.48 2.57
CA HIS A 247 -19.38 35.22 1.14
C HIS A 247 -20.21 33.95 0.94
N PRO A 248 -21.41 34.08 0.32
CA PRO A 248 -22.32 32.94 0.21
C PRO A 248 -21.74 31.80 -0.60
N GLU A 249 -21.88 30.58 -0.09
CA GLU A 249 -21.43 29.38 -0.79
C GLU A 249 -22.58 28.74 -1.56
N ILE A 250 -22.27 28.25 -2.76
CA ILE A 250 -23.23 27.51 -3.58
C ILE A 250 -22.72 26.09 -3.88
N ASP A 251 -23.61 25.25 -4.40
CA ASP A 251 -23.22 23.92 -4.87
C ASP A 251 -22.28 24.05 -6.07
N ASN A 252 -21.18 23.31 -6.03
CA ASN A 252 -20.25 23.26 -7.14
C ASN A 252 -20.92 22.56 -8.34
N PRO A 253 -21.09 23.29 -9.46
CA PRO A 253 -21.74 22.71 -10.64
C PRO A 253 -20.95 21.55 -11.24
N GLU A 254 -19.63 21.57 -11.08
CA GLU A 254 -18.78 20.50 -11.59
C GLU A 254 -18.46 19.41 -10.56
N TYR A 255 -19.18 19.42 -9.43
CA TYR A 255 -19.11 18.32 -8.49
C TYR A 255 -20.20 17.28 -8.76
N SER A 256 -19.82 16.02 -8.65
CA SER A 256 -20.75 14.90 -8.72
C SER A 256 -20.18 13.72 -7.91
N PRO A 257 -21.06 13.00 -7.17
CA PRO A 257 -20.61 11.81 -6.47
C PRO A 257 -20.18 10.71 -7.43
N ASP A 258 -19.15 9.96 -7.05
CA ASP A 258 -18.69 8.80 -7.83
C ASP A 258 -18.65 7.59 -6.92
N ALA A 259 -19.58 6.67 -7.14
CA ALA A 259 -19.71 5.47 -6.32
C ALA A 259 -18.71 4.38 -6.74
N ASN A 260 -18.11 4.54 -7.92
CA ASN A 260 -17.23 3.52 -8.49
C ASN A 260 -15.73 3.82 -8.35
N ILE A 261 -15.38 4.71 -7.42
CA ILE A 261 -13.98 5.07 -7.15
C ILE A 261 -13.16 3.82 -6.78
N TYR A 262 -13.72 2.99 -5.91
CA TYR A 262 -13.09 1.74 -5.47
C TYR A 262 -12.80 0.79 -6.63
N ALA A 263 -13.62 0.90 -7.68
CA ALA A 263 -13.67 -0.11 -8.74
C ALA A 263 -12.64 0.07 -9.84
N TYR A 264 -11.94 -1.02 -10.17
CA TYR A 264 -11.03 -1.05 -11.30
C TYR A 264 -11.43 -2.15 -12.27
N ASP A 265 -11.26 -1.87 -13.56
CA ASP A 265 -11.67 -2.80 -14.61
C ASP A 265 -10.83 -4.07 -14.66
N SER A 266 -9.55 -3.97 -14.31
CA SER A 266 -8.67 -5.14 -14.27
C SER A 266 -7.45 -5.00 -13.36
N PHE A 267 -7.18 -6.07 -12.61
CA PHE A 267 -5.90 -6.28 -11.95
C PHE A 267 -5.35 -7.56 -12.55
N ALA A 268 -4.06 -7.56 -12.89
CA ALA A 268 -3.44 -8.72 -13.53
C ALA A 268 -2.04 -9.03 -13.01
N VAL A 269 -1.35 -7.99 -12.54
CA VAL A 269 0.03 -8.13 -12.12
C VAL A 269 0.28 -7.45 -10.77
N LEU A 270 0.94 -8.17 -9.86
CA LEU A 270 1.46 -7.59 -8.64
C LEU A 270 2.96 -7.32 -8.81
N GLY A 271 3.35 -6.07 -8.68
CA GLY A 271 4.75 -5.67 -8.89
C GLY A 271 5.49 -5.22 -7.64
N LEU A 272 6.77 -5.57 -7.60
CA LEU A 272 7.68 -5.09 -6.57
C LEU A 272 8.63 -4.11 -7.22
N ASP A 273 8.31 -2.82 -7.06
CA ASP A 273 8.97 -1.74 -7.78
C ASP A 273 9.50 -0.74 -6.76
N LEU A 274 10.79 -0.85 -6.46
CA LEU A 274 11.36 -0.21 -5.26
C LEU A 274 12.72 0.43 -5.47
N TRP A 275 13.10 1.26 -4.51
CA TRP A 275 14.46 1.75 -4.37
C TRP A 275 14.94 1.46 -2.95
N GLN A 276 16.05 0.74 -2.83
CA GLN A 276 16.65 0.50 -1.51
C GLN A 276 18.07 0.99 -1.46
N VAL A 277 18.44 1.59 -0.35
CA VAL A 277 19.85 1.95 -0.11
C VAL A 277 20.53 0.74 0.55
N LYS A 278 20.19 0.48 1.80
CA LYS A 278 20.64 -0.73 2.49
C LYS A 278 19.65 -1.86 2.22
N SER A 279 20.10 -2.85 1.43
CA SER A 279 19.27 -3.99 1.04
C SER A 279 19.21 -5.05 2.14
N GLY A 280 18.34 -6.04 1.96
CA GLY A 280 18.13 -7.12 2.93
C GLY A 280 16.67 -7.37 3.31
N THR A 281 15.74 -6.66 2.67
CA THR A 281 14.31 -6.79 2.93
C THR A 281 13.72 -8.08 2.35
N ILE A 282 13.01 -8.83 3.19
CA ILE A 282 12.33 -10.05 2.74
C ILE A 282 10.82 -9.86 2.62
N PHE A 283 10.33 -10.09 1.40
CA PHE A 283 8.90 -10.10 1.13
C PHE A 283 8.41 -11.54 1.11
N ASP A 284 7.23 -11.77 1.68
CA ASP A 284 6.70 -13.12 1.82
C ASP A 284 5.17 -13.10 1.93
N ASN A 285 4.57 -14.27 1.70
CA ASN A 285 3.14 -14.51 1.96
C ASN A 285 2.19 -13.49 1.35
N PHE A 286 2.30 -13.32 0.04
CA PHE A 286 1.41 -12.43 -0.70
C PHE A 286 0.02 -13.05 -0.79
N LEU A 287 -1.00 -12.21 -0.60
CA LEU A 287 -2.37 -12.64 -0.80
C LEU A 287 -3.23 -11.51 -1.39
N ILE A 288 -3.83 -11.80 -2.54
CA ILE A 288 -4.88 -10.97 -3.09
C ILE A 288 -6.17 -11.78 -3.09
N THR A 289 -7.16 -11.29 -2.36
CA THR A 289 -8.42 -12.02 -2.16
C THR A 289 -9.62 -11.06 -2.08
N ASN A 290 -10.82 -11.64 -2.03
CA ASN A 290 -12.05 -10.84 -1.90
C ASN A 290 -12.71 -11.00 -0.53
N ASP A 291 -12.03 -11.73 0.36
CA ASP A 291 -12.56 -12.11 1.66
C ASP A 291 -11.68 -11.55 2.77
N GLU A 292 -12.27 -10.76 3.66
CA GLU A 292 -11.57 -10.19 4.82
C GLU A 292 -11.26 -11.25 5.86
N ALA A 293 -12.27 -12.08 6.15
CA ALA A 293 -12.15 -13.16 7.13
C ALA A 293 -10.99 -14.10 6.78
N TYR A 294 -10.89 -14.47 5.51
CA TYR A 294 -9.83 -15.36 5.03
C TYR A 294 -8.45 -14.71 5.13
N ALA A 295 -8.37 -13.42 4.78
CA ALA A 295 -7.12 -12.67 4.85
C ALA A 295 -6.63 -12.56 6.30
N GLU A 296 -7.54 -12.31 7.22
CA GLU A 296 -7.25 -12.30 8.65
C GLU A 296 -6.77 -13.67 9.12
N GLU A 297 -7.50 -14.71 8.72
CA GLU A 297 -7.18 -16.08 9.10
C GLU A 297 -5.83 -16.52 8.52
N PHE A 298 -5.61 -16.18 7.24
CA PHE A 298 -4.34 -16.46 6.55
C PHE A 298 -3.16 -15.72 7.19
N GLY A 299 -3.42 -14.52 7.69
CA GLY A 299 -2.43 -13.74 8.44
C GLY A 299 -2.03 -14.39 9.75
N ASN A 300 -3.03 -14.87 10.50
CA ASN A 300 -2.80 -15.66 11.70
C ASN A 300 -2.05 -16.95 11.38
N GLU A 301 -2.31 -17.46 10.18
CA GLU A 301 -1.72 -18.70 9.71
C GLU A 301 -0.32 -18.51 9.13
N THR A 302 0.10 -17.27 8.96
CA THR A 302 1.37 -17.00 8.30
C THR A 302 2.31 -16.11 9.13
N TRP A 303 1.97 -14.82 9.27
CA TRP A 303 2.73 -13.91 10.13
C TRP A 303 2.61 -14.30 11.60
N GLY A 304 1.40 -14.67 12.02
CA GLY A 304 1.13 -15.10 13.40
C GLY A 304 1.96 -16.29 13.84
N VAL A 305 2.24 -17.19 12.90
CA VAL A 305 3.07 -18.36 13.15
C VAL A 305 4.57 -18.00 13.21
N THR A 306 4.94 -16.96 12.48
CA THR A 306 6.33 -16.53 12.35
C THR A 306 6.82 -15.73 13.56
N LYS A 307 6.06 -14.71 13.93
CA LYS A 307 6.52 -13.64 14.83
C LYS A 307 7.17 -14.08 16.15
N ALA A 308 6.61 -15.12 16.78
CA ALA A 308 7.04 -15.56 18.11
C ALA A 308 8.29 -16.43 18.10
N ALA A 309 8.40 -17.29 17.09
CA ALA A 309 9.59 -18.11 16.90
C ALA A 309 10.73 -17.26 16.31
N GLU A 310 10.35 -16.24 15.54
CA GLU A 310 11.28 -15.29 14.95
C GLU A 310 11.94 -14.41 16.01
N LYS A 311 11.13 -13.84 16.90
CA LYS A 311 11.59 -13.01 18.00
C LYS A 311 12.53 -13.80 18.92
N GLN A 312 12.13 -15.03 19.22
CA GLN A 312 12.91 -15.94 20.07
C GLN A 312 14.30 -16.25 19.52
N MET A 313 14.41 -16.41 18.21
CA MET A 313 15.69 -16.73 17.57
C MET A 313 16.65 -15.53 17.56
N LYS A 314 16.10 -14.33 17.36
CA LYS A 314 16.88 -13.09 17.42
C LYS A 314 17.43 -12.87 18.83
N ASP A 315 16.57 -13.10 19.83
CA ASP A 315 16.94 -12.96 21.24
C ASP A 315 18.08 -13.91 21.64
N LYS A 316 18.11 -15.10 21.04
CA LYS A 316 19.21 -16.05 21.27
C LYS A 316 20.50 -15.57 20.60
N GLN A 317 20.38 -15.04 19.39
CA GLN A 317 21.53 -14.50 18.64
C GLN A 317 22.10 -13.24 19.29
N ASP A 318 21.23 -12.48 19.96
CA ASP A 318 21.63 -11.21 20.58
C ASP A 318 22.26 -11.39 21.97
N GLU A 319 21.74 -12.35 22.75
CA GLU A 319 22.34 -12.72 24.03
C GLU A 319 23.64 -13.48 23.82
N GLU A 320 23.71 -14.22 22.71
CA GLU A 320 24.90 -14.94 22.27
C GLU A 320 25.97 -13.97 21.76
N GLN A 321 25.52 -12.80 21.30
CA GLN A 321 26.42 -11.73 20.88
C GLN A 321 27.05 -11.02 22.08
N ARG A 322 26.25 -10.82 23.14
CA ARG A 322 26.72 -10.16 24.36
C ARG A 322 27.47 -11.12 25.26
N LEU A 323 26.74 -12.07 25.84
CA LEU A 323 27.29 -13.02 26.80
C LEU A 323 28.08 -14.13 26.10
CA CA B . 7.65 -18.29 2.72
#